data_4DIA
#
_entry.id   4DIA
#
_cell.length_a   52.269
_cell.length_b   54.058
_cell.length_c   96.316
_cell.angle_alpha   90.00
_cell.angle_beta   90.00
_cell.angle_gamma   90.00
#
_symmetry.space_group_name_H-M   'P 21 21 21'
#
loop_
_entity.id
_entity.type
_entity.pdbx_description
1 polymer '2-pyrone-4,6-dicarbaxylate hydrolase'
2 water water
#
_entity_poly.entity_id   1
_entity_poly.type   'polypeptide(L)'
_entity_poly.pdbx_seq_one_letter_code
;MSLTNDERILSWNETPSKPRYTPPPGAIDAHCHVFGPMAQFPFSPKAKYLPRDAGPDMLFALRDHLGFARNVIVQASCHG
TDNAATLDAIARAQGKARGIAVVDPAIDEAELAALHEGGMRGIRFNFLKRLVDDAPKDKFLEVAGRLPAGWHVVIYFEAD
ILEELRPFMDAIPVPIVIDHMGRPDVRQGPDGADMKAFRRLLDSREDIWFKATCPDRLDPAGPPWDDFARSVAPLVADYA
DRVIWGTNWPHPNMQDAIPDDGLVVDMIPRIAPTPELQHKMLVTNPMRLYWSEEMEGHHHHHH
;
_entity_poly.pdbx_strand_id   A
#
# COMPACT_ATOMS: atom_id res chain seq x y z
N LEU A 3 -22.60 -15.70 12.03
CA LEU A 3 -21.16 -15.38 12.10
C LEU A 3 -20.90 -13.94 12.54
N THR A 4 -20.99 -13.71 13.85
CA THR A 4 -20.89 -12.36 14.41
C THR A 4 -19.49 -11.76 14.23
N ASN A 5 -19.37 -10.51 14.67
CA ASN A 5 -18.13 -9.79 14.55
C ASN A 5 -17.03 -10.35 15.44
N ASP A 6 -17.34 -10.62 16.70
CA ASP A 6 -16.29 -11.04 17.61
C ASP A 6 -15.92 -12.54 17.50
N GLU A 7 -16.57 -13.25 16.57
CA GLU A 7 -16.14 -14.60 16.19
C GLU A 7 -15.15 -14.54 15.02
N ARG A 8 -15.03 -13.37 14.39
CA ARG A 8 -14.11 -13.19 13.28
C ARG A 8 -12.73 -12.69 13.76
N ILE A 9 -11.74 -12.68 12.87
CA ILE A 9 -10.33 -12.43 13.23
C ILE A 9 -9.96 -10.95 13.34
N LEU A 10 -9.55 -10.53 14.53
CA LEU A 10 -8.99 -9.21 14.77
C LEU A 10 -7.50 -9.17 14.42
N SER A 11 -7.11 -8.25 13.54
CA SER A 11 -5.69 -8.11 13.19
C SER A 11 -5.07 -6.72 13.46
N TRP A 12 -5.79 -5.84 14.16
CA TRP A 12 -5.27 -4.51 14.43
C TRP A 12 -5.41 -4.21 15.88
N ASN A 13 -4.71 -3.16 16.31
CA ASN A 13 -4.77 -2.69 17.69
C ASN A 13 -6.01 -1.83 17.87
N GLU A 14 -6.88 -2.20 18.79
CA GLU A 14 -8.09 -1.41 18.96
C GLU A 14 -7.90 -0.10 19.70
N THR A 15 -6.76 0.08 20.37
CA THR A 15 -6.41 1.36 21.00
CA THR A 15 -6.42 1.36 21.00
C THR A 15 -4.98 1.75 20.68
N PRO A 16 -4.71 2.07 19.40
CA PRO A 16 -3.31 2.31 19.03
C PRO A 16 -2.76 3.54 19.75
N SER A 17 -1.46 3.58 20.02
CA SER A 17 -0.84 4.77 20.60
C SER A 17 -0.96 5.95 19.66
N LYS A 18 -0.94 7.15 20.24
CA LYS A 18 -0.80 8.38 19.47
C LYS A 18 0.66 8.46 19.01
N PRO A 19 0.89 8.72 17.71
CA PRO A 19 2.29 8.86 17.29
C PRO A 19 2.92 10.06 18.00
N ARG A 20 4.21 9.95 18.34
CA ARG A 20 4.95 11.10 18.82
C ARG A 20 5.27 12.01 17.65
N TYR A 21 5.35 11.41 16.46
CA TYR A 21 5.54 12.13 15.21
C TYR A 21 4.26 12.86 14.77
N THR A 22 4.42 14.09 14.24
CA THR A 22 3.31 14.86 13.68
C THR A 22 3.48 15.00 12.18
N PRO A 23 2.67 14.29 11.38
CA PRO A 23 2.73 14.47 9.94
C PRO A 23 2.44 15.91 9.52
N PRO A 24 2.97 16.33 8.37
CA PRO A 24 2.66 17.65 7.85
C PRO A 24 1.23 17.69 7.30
N PRO A 25 0.65 18.89 7.11
CA PRO A 25 -0.69 19.07 6.52
C PRO A 25 -0.75 18.35 5.17
N GLY A 26 -1.87 17.70 4.90
CA GLY A 26 -2.11 17.05 3.62
C GLY A 26 -1.42 15.70 3.45
N ALA A 27 -0.95 15.13 4.56
CA ALA A 27 -0.29 13.84 4.52
C ALA A 27 -1.23 12.71 4.06
N ILE A 28 -0.70 11.83 3.22
CA ILE A 28 -1.47 10.75 2.64
C ILE A 28 -0.95 9.39 3.15
N ASP A 29 -1.84 8.60 3.78
CA ASP A 29 -1.58 7.20 4.07
C ASP A 29 -1.92 6.41 2.79
N ALA A 30 -0.87 6.07 2.02
CA ALA A 30 -1.06 5.54 0.68
C ALA A 30 -1.21 4.02 0.61
N HIS A 31 -1.37 3.40 1.77
CA HIS A 31 -1.56 1.96 1.85
C HIS A 31 -2.36 1.54 3.05
N CYS A 32 -3.68 1.49 2.89
CA CYS A 32 -4.56 1.04 3.95
C CYS A 32 -5.71 0.28 3.27
N HIS A 33 -6.62 -0.31 4.06
CA HIS A 33 -7.76 -1.07 3.51
C HIS A 33 -8.98 -0.95 4.37
N VAL A 34 -10.09 -1.44 3.84
CA VAL A 34 -11.27 -1.72 4.66
C VAL A 34 -11.63 -3.20 4.53
N PHE A 35 -12.23 -3.75 5.61
CA PHE A 35 -12.80 -5.08 5.62
C PHE A 35 -14.31 -4.90 5.81
N GLY A 36 -15.10 -5.38 4.87
CA GLY A 36 -16.53 -5.18 4.91
C GLY A 36 -16.96 -3.73 5.04
N PRO A 37 -17.94 -3.45 5.93
CA PRO A 37 -18.60 -4.35 6.88
C PRO A 37 -19.31 -5.51 6.20
N MET A 38 -19.15 -6.70 6.78
CA MET A 38 -19.63 -7.95 6.19
C MET A 38 -21.12 -7.96 5.87
N ALA A 39 -21.92 -7.37 6.77
CA ALA A 39 -23.39 -7.39 6.56
C ALA A 39 -23.76 -6.59 5.30
N GLN A 40 -22.92 -5.62 4.92
CA GLN A 40 -23.13 -4.83 3.69
C GLN A 40 -22.41 -5.38 2.48
N PHE A 41 -21.17 -5.84 2.69
CA PHE A 41 -20.30 -6.30 1.62
C PHE A 41 -19.71 -7.63 2.00
N PRO A 42 -20.26 -8.73 1.44
CA PRO A 42 -19.72 -10.04 1.81
C PRO A 42 -18.26 -10.23 1.36
N PHE A 43 -17.53 -11.04 2.10
CA PHE A 43 -16.21 -11.46 1.68
C PHE A 43 -16.29 -12.39 0.50
N SER A 44 -15.18 -12.55 -0.21
CA SER A 44 -15.13 -13.46 -1.34
C SER A 44 -15.10 -14.91 -0.84
N PRO A 45 -15.81 -15.83 -1.55
CA PRO A 45 -15.77 -17.26 -1.20
C PRO A 45 -14.35 -17.85 -1.19
N LYS A 46 -13.42 -17.15 -1.82
CA LYS A 46 -12.02 -17.55 -1.88
C LYS A 46 -11.15 -17.00 -0.74
N ALA A 47 -11.72 -16.19 0.15
CA ALA A 47 -10.93 -15.55 1.21
C ALA A 47 -10.21 -16.57 2.11
N LYS A 48 -8.93 -16.33 2.39
CA LYS A 48 -8.15 -17.24 3.23
C LYS A 48 -8.62 -17.25 4.69
N TYR A 49 -9.05 -16.08 5.20
CA TYR A 49 -9.70 -15.97 6.52
C TYR A 49 -10.74 -14.83 6.57
N LEU A 50 -11.63 -14.90 7.56
CA LEU A 50 -12.72 -13.93 7.72
C LEU A 50 -12.37 -12.90 8.79
N PRO A 51 -12.00 -11.67 8.37
CA PRO A 51 -11.57 -10.69 9.38
C PRO A 51 -12.79 -10.08 10.06
N ARG A 52 -12.58 -9.47 11.22
CA ARG A 52 -13.60 -8.58 11.78
C ARG A 52 -13.87 -7.43 10.81
N ASP A 53 -15.02 -6.77 10.97
CA ASP A 53 -15.29 -5.55 10.22
C ASP A 53 -14.31 -4.42 10.56
N ALA A 54 -13.76 -3.79 9.53
CA ALA A 54 -12.94 -2.60 9.68
C ALA A 54 -13.43 -1.69 8.55
N GLY A 55 -14.47 -0.94 8.85
CA GLY A 55 -15.17 -0.17 7.84
C GLY A 55 -14.64 1.27 7.76
N PRO A 56 -15.23 2.08 6.88
CA PRO A 56 -14.74 3.46 6.64
C PRO A 56 -14.71 4.32 7.90
N ASP A 57 -15.69 4.16 8.78
CA ASP A 57 -15.75 4.94 10.02
C ASP A 57 -14.52 4.72 10.86
N MET A 58 -14.13 3.46 10.99
CA MET A 58 -12.92 3.13 11.75
C MET A 58 -11.65 3.62 11.05
N LEU A 59 -11.62 3.49 9.73
CA LEU A 59 -10.46 3.94 8.95
C LEU A 59 -10.27 5.43 9.10
N PHE A 60 -11.35 6.21 9.00
CA PHE A 60 -11.23 7.66 9.13
C PHE A 60 -10.89 8.07 10.56
N ALA A 61 -11.40 7.33 11.55
CA ALA A 61 -11.03 7.62 12.95
C ALA A 61 -9.52 7.42 13.12
N LEU A 62 -9.02 6.34 12.54
CA LEU A 62 -7.62 6.00 12.66
C LEU A 62 -6.78 7.04 11.90
N ARG A 63 -7.26 7.41 10.72
CA ARG A 63 -6.57 8.43 9.91
C ARG A 63 -6.36 9.70 10.74
N ASP A 64 -7.43 10.22 11.29
CA ASP A 64 -7.36 11.45 12.11
C ASP A 64 -6.50 11.28 13.35
N HIS A 65 -6.60 10.12 13.99
CA HIS A 65 -5.74 9.79 15.15
C HIS A 65 -4.26 9.83 14.82
N LEU A 66 -3.90 9.32 13.65
CA LEU A 66 -2.49 9.28 13.25
C LEU A 66 -2.01 10.61 12.67
N GLY A 67 -2.93 11.52 12.44
CA GLY A 67 -2.59 12.87 11.96
C GLY A 67 -2.53 12.97 10.44
N PHE A 68 -3.20 12.05 9.74
CA PHE A 68 -3.20 12.03 8.27
C PHE A 68 -4.43 12.74 7.73
N ALA A 69 -4.33 13.28 6.51
CA ALA A 69 -5.40 14.02 5.84
C ALA A 69 -6.18 13.19 4.82
N ARG A 70 -5.49 12.27 4.14
CA ARG A 70 -6.05 11.50 3.02
C ARG A 70 -5.57 10.05 3.03
N ASN A 71 -6.31 9.17 2.34
CA ASN A 71 -5.96 7.74 2.26
C ASN A 71 -6.02 7.24 0.84
N VAL A 72 -5.21 6.24 0.56
CA VAL A 72 -5.39 5.43 -0.63
C VAL A 72 -5.81 4.09 -0.09
N ILE A 73 -7.04 3.71 -0.43
CA ILE A 73 -7.65 2.51 0.08
C ILE A 73 -7.45 1.40 -0.95
N VAL A 74 -6.70 0.39 -0.53
CA VAL A 74 -6.23 -0.67 -1.39
C VAL A 74 -7.10 -1.89 -1.19
N GLN A 75 -7.77 -2.31 -2.26
CA GLN A 75 -8.60 -3.52 -2.23
C GLN A 75 -7.94 -4.67 -1.44
N ALA A 76 -8.65 -5.17 -0.43
CA ALA A 76 -8.11 -6.24 0.42
C ALA A 76 -8.35 -7.59 -0.22
N SER A 77 -7.44 -8.53 -0.03
CA SER A 77 -7.63 -9.81 -0.70
C SER A 77 -8.85 -10.60 -0.18
N CYS A 78 -9.30 -10.31 1.04
CA CYS A 78 -10.52 -10.96 1.56
C CYS A 78 -11.77 -10.59 0.73
N HIS A 79 -11.66 -9.60 -0.16
CA HIS A 79 -12.79 -9.23 -1.02
C HIS A 79 -12.63 -9.63 -2.47
N GLY A 80 -11.53 -10.31 -2.77
CA GLY A 80 -11.23 -10.81 -4.13
C GLY A 80 -11.26 -9.73 -5.20
N THR A 81 -11.99 -10.00 -6.28
CA THR A 81 -12.15 -9.01 -7.33
C THR A 81 -13.44 -8.20 -7.20
N ASP A 82 -14.11 -8.31 -6.06
CA ASP A 82 -15.29 -7.49 -5.82
C ASP A 82 -14.91 -6.25 -5.01
N ASN A 83 -14.77 -5.13 -5.73
CA ASN A 83 -14.27 -3.88 -5.14
C ASN A 83 -15.32 -3.02 -4.44
N ALA A 84 -16.52 -3.57 -4.24
CA ALA A 84 -17.63 -2.79 -3.65
C ALA A 84 -17.26 -2.12 -2.32
N ALA A 85 -16.72 -2.89 -1.38
CA ALA A 85 -16.41 -2.34 -0.06
C ALA A 85 -15.41 -1.16 -0.13
N THR A 86 -14.34 -1.36 -0.90
CA THR A 86 -13.32 -0.32 -1.13
C THR A 86 -13.93 0.92 -1.80
N LEU A 87 -14.73 0.68 -2.84
CA LEU A 87 -15.43 1.77 -3.56
C LEU A 87 -16.35 2.59 -2.63
N ASP A 88 -17.08 1.91 -1.75
CA ASP A 88 -17.98 2.58 -0.81
C ASP A 88 -17.18 3.41 0.21
N ALA A 89 -16.09 2.85 0.73
CA ALA A 89 -15.18 3.58 1.64
C ALA A 89 -14.60 4.83 0.99
N ILE A 90 -14.09 4.69 -0.22
CA ILE A 90 -13.56 5.85 -0.93
C ILE A 90 -14.64 6.92 -1.08
N ALA A 91 -15.84 6.53 -1.49
CA ALA A 91 -16.91 7.54 -1.63
C ALA A 91 -17.22 8.21 -0.29
N ARG A 92 -17.17 7.42 0.78
CA ARG A 92 -17.52 7.95 2.10
C ARG A 92 -16.47 8.90 2.67
N ALA A 93 -15.27 8.91 2.09
CA ALA A 93 -14.20 9.83 2.52
C ALA A 93 -14.50 11.25 2.07
N GLN A 94 -15.52 11.40 1.24
CA GLN A 94 -15.97 12.72 0.80
C GLN A 94 -14.82 13.53 0.16
N GLY A 95 -14.06 12.91 -0.73
CA GLY A 95 -13.01 13.62 -1.45
C GLY A 95 -11.62 13.35 -0.89
N LYS A 96 -11.55 12.72 0.29
CA LYS A 96 -10.27 12.50 0.94
C LYS A 96 -9.65 11.12 0.69
N ALA A 97 -10.18 10.38 -0.28
CA ALA A 97 -9.56 9.08 -0.61
C ALA A 97 -9.51 8.78 -2.10
N ARG A 98 -8.56 7.95 -2.47
CA ARG A 98 -8.50 7.33 -3.78
C ARG A 98 -8.22 5.87 -3.48
N GLY A 99 -8.13 5.05 -4.52
CA GLY A 99 -8.08 3.63 -4.30
C GLY A 99 -7.24 2.85 -5.30
N ILE A 100 -6.99 1.59 -4.95
CA ILE A 100 -6.40 0.60 -5.84
C ILE A 100 -7.34 -0.62 -5.89
N ALA A 101 -7.52 -1.17 -7.08
CA ALA A 101 -8.44 -2.27 -7.31
C ALA A 101 -7.71 -3.58 -7.50
N VAL A 102 -8.46 -4.67 -7.31
CA VAL A 102 -8.08 -5.98 -7.84
C VAL A 102 -9.16 -6.33 -8.86
N VAL A 103 -8.74 -6.67 -10.07
CA VAL A 103 -9.67 -6.91 -11.17
C VAL A 103 -9.45 -8.27 -11.86
N ASP A 104 -10.54 -8.86 -12.34
CA ASP A 104 -10.47 -10.00 -13.24
CA ASP A 104 -10.46 -10.00 -13.25
C ASP A 104 -9.79 -9.52 -14.53
N PRO A 105 -8.74 -10.23 -14.98
CA PRO A 105 -8.06 -9.73 -16.20
C PRO A 105 -8.92 -9.66 -17.47
N ALA A 106 -10.18 -10.10 -17.39
CA ALA A 106 -11.14 -9.95 -18.50
C ALA A 106 -12.10 -8.77 -18.33
N ILE A 107 -11.74 -7.81 -17.48
CA ILE A 107 -12.58 -6.65 -17.17
C ILE A 107 -12.74 -5.72 -18.39
N ASP A 108 -13.98 -5.26 -18.63
CA ASP A 108 -14.35 -4.30 -19.71
C ASP A 108 -13.63 -2.94 -19.64
N GLU A 109 -13.44 -2.32 -20.80
CA GLU A 109 -13.01 -0.91 -20.84
C GLU A 109 -14.01 -0.05 -20.05
N ALA A 110 -15.30 -0.35 -20.21
CA ALA A 110 -16.38 0.37 -19.53
C ALA A 110 -16.38 0.18 -17.99
N GLU A 111 -16.10 -1.03 -17.55
CA GLU A 111 -16.02 -1.33 -16.11
C GLU A 111 -14.83 -0.65 -15.46
N LEU A 112 -13.70 -0.62 -16.17
CA LEU A 112 -12.52 0.14 -15.73
C LEU A 112 -12.77 1.65 -15.65
N ALA A 113 -13.55 2.19 -16.59
CA ALA A 113 -13.93 3.61 -16.55
C ALA A 113 -14.80 3.92 -15.31
N ALA A 114 -15.69 2.99 -14.93
CA ALA A 114 -16.51 3.11 -13.72
C ALA A 114 -15.66 3.06 -12.42
N LEU A 115 -14.66 2.17 -12.39
CA LEU A 115 -13.69 2.15 -11.31
C LEU A 115 -13.00 3.50 -11.19
N HIS A 116 -12.62 4.07 -12.32
CA HIS A 116 -11.98 5.39 -12.36
C HIS A 116 -12.86 6.46 -11.78
N GLU A 117 -14.11 6.47 -12.23
CA GLU A 117 -15.12 7.41 -11.73
C GLU A 117 -15.31 7.24 -10.24
N GLY A 118 -15.19 6.01 -9.76
CA GLY A 118 -15.28 5.70 -8.34
C GLY A 118 -14.00 5.94 -7.53
N GLY A 119 -12.96 6.49 -8.15
CA GLY A 119 -11.73 6.90 -7.41
C GLY A 119 -10.55 5.95 -7.45
N MET A 120 -10.69 4.83 -8.16
CA MET A 120 -9.56 3.91 -8.36
C MET A 120 -8.54 4.55 -9.30
N ARG A 121 -7.25 4.44 -8.97
CA ARG A 121 -6.20 4.98 -9.84
C ARG A 121 -5.16 3.89 -10.19
N GLY A 122 -5.55 2.63 -10.05
CA GLY A 122 -4.65 1.52 -10.33
C GLY A 122 -5.19 0.17 -9.96
N ILE A 123 -4.41 -0.85 -10.27
CA ILE A 123 -4.78 -2.22 -9.96
C ILE A 123 -3.57 -2.87 -9.28
N ARG A 124 -3.82 -3.90 -8.49
CA ARG A 124 -2.76 -4.56 -7.73
C ARG A 124 -2.54 -6.00 -8.22
N PHE A 125 -1.28 -6.38 -8.41
CA PHE A 125 -0.86 -7.79 -8.61
C PHE A 125 -0.01 -8.27 -7.43
N ASN A 126 -0.31 -9.48 -6.97
CA ASN A 126 0.43 -10.07 -5.86
C ASN A 126 1.06 -11.37 -6.33
N PHE A 127 2.38 -11.37 -6.52
CA PHE A 127 3.05 -12.60 -6.96
C PHE A 127 3.44 -13.56 -5.82
N LEU A 128 2.65 -13.58 -4.75
CA LEU A 128 2.91 -14.50 -3.64
C LEU A 128 1.79 -15.52 -3.40
N PRO A 136 -2.06 -17.12 -13.95
CA PRO A 136 -2.56 -16.23 -15.02
C PRO A 136 -1.40 -15.36 -15.53
N LYS A 137 -0.48 -16.02 -16.25
CA LYS A 137 0.86 -15.52 -16.60
C LYS A 137 1.04 -14.08 -17.12
N ASP A 138 0.49 -13.76 -18.29
CA ASP A 138 0.74 -12.41 -18.84
C ASP A 138 -0.49 -11.76 -19.47
N LYS A 139 -1.67 -12.20 -19.01
CA LYS A 139 -2.88 -11.41 -19.14
C LYS A 139 -2.63 -10.11 -18.38
N PHE A 140 -1.77 -10.20 -17.37
CA PHE A 140 -1.40 -9.08 -16.49
C PHE A 140 -0.81 -7.91 -17.24
N LEU A 141 0.10 -8.22 -18.17
CA LEU A 141 0.61 -7.22 -19.11
C LEU A 141 -0.53 -6.73 -20.01
N GLU A 142 -1.41 -7.63 -20.41
CA GLU A 142 -2.53 -7.32 -21.29
C GLU A 142 -3.48 -6.27 -20.68
N VAL A 143 -4.03 -6.57 -19.51
CA VAL A 143 -4.91 -5.64 -18.82
C VAL A 143 -4.20 -4.34 -18.43
N ALA A 144 -2.92 -4.43 -18.05
CA ALA A 144 -2.14 -3.25 -17.69
C ALA A 144 -1.96 -2.29 -18.86
N GLY A 145 -2.08 -2.81 -20.08
CA GLY A 145 -2.00 -2.00 -21.28
C GLY A 145 -3.30 -1.35 -21.71
N ARG A 146 -4.40 -1.62 -21.03
CA ARG A 146 -5.67 -0.99 -21.37
C ARG A 146 -6.34 -0.30 -20.18
N LEU A 147 -5.52 0.13 -19.23
CA LEU A 147 -6.03 0.83 -18.06
C LEU A 147 -6.31 2.29 -18.42
N PRO A 148 -7.31 2.94 -17.75
CA PRO A 148 -7.53 4.36 -18.00
C PRO A 148 -6.21 5.15 -17.83
N ALA A 149 -6.09 6.30 -18.49
CA ALA A 149 -4.85 7.06 -18.43
C ALA A 149 -4.67 7.58 -17.03
N GLY A 150 -3.42 7.72 -16.61
CA GLY A 150 -3.12 8.21 -15.28
C GLY A 150 -3.06 7.10 -14.26
N TRP A 151 -3.40 5.87 -14.65
CA TRP A 151 -3.32 4.71 -13.73
C TRP A 151 -1.95 4.10 -13.68
N HIS A 152 -1.68 3.42 -12.56
CA HIS A 152 -0.45 2.66 -12.37
C HIS A 152 -0.74 1.25 -11.92
N VAL A 153 0.27 0.39 -11.88
CA VAL A 153 0.08 -0.91 -11.26
C VAL A 153 0.82 -0.97 -9.94
N VAL A 154 0.19 -1.59 -8.95
CA VAL A 154 0.80 -1.83 -7.65
C VAL A 154 1.21 -3.29 -7.62
N ILE A 155 2.46 -3.57 -7.29
CA ILE A 155 2.93 -4.95 -7.32
C ILE A 155 3.57 -5.37 -6.02
N TYR A 156 3.25 -6.57 -5.55
CA TYR A 156 3.95 -7.15 -4.41
C TYR A 156 4.71 -8.42 -4.82
N PHE A 157 5.94 -8.53 -4.33
CA PHE A 157 6.75 -9.73 -4.50
C PHE A 157 7.78 -9.83 -3.37
N GLU A 158 8.50 -10.94 -3.32
CA GLU A 158 9.60 -11.10 -2.36
C GLU A 158 10.94 -11.01 -3.09
N ALA A 159 12.00 -10.72 -2.34
CA ALA A 159 13.34 -10.56 -2.89
C ALA A 159 13.79 -11.75 -3.72
N ASP A 160 13.41 -12.96 -3.30
CA ASP A 160 13.90 -14.17 -3.98
C ASP A 160 13.28 -14.47 -5.36
N ILE A 161 12.28 -13.70 -5.77
CA ILE A 161 11.71 -13.86 -7.09
C ILE A 161 11.91 -12.64 -7.99
N LEU A 162 12.57 -11.59 -7.46
CA LEU A 162 12.78 -10.37 -8.21
C LEU A 162 13.45 -10.60 -9.59
N GLU A 163 14.51 -11.39 -9.64
CA GLU A 163 15.25 -11.65 -10.90
C GLU A 163 14.36 -12.17 -12.01
N GLU A 164 13.63 -13.23 -11.72
CA GLU A 164 12.76 -13.84 -12.73
C GLU A 164 11.60 -12.93 -13.13
N LEU A 165 11.34 -11.91 -12.32
CA LEU A 165 10.26 -10.95 -12.55
C LEU A 165 10.69 -9.74 -13.36
N ARG A 166 12.01 -9.50 -13.44
CA ARG A 166 12.57 -8.31 -14.10
CA ARG A 166 12.55 -8.32 -14.10
C ARG A 166 12.03 -8.09 -15.52
N PRO A 167 12.03 -9.15 -16.38
CA PRO A 167 11.53 -8.87 -17.74
C PRO A 167 10.05 -8.47 -17.79
N PHE A 168 9.22 -9.12 -16.97
CA PHE A 168 7.80 -8.83 -16.89
C PHE A 168 7.56 -7.36 -16.52
N MET A 169 8.27 -6.89 -15.49
CA MET A 169 8.14 -5.52 -15.02
C MET A 169 8.71 -4.52 -16.01
N ASP A 170 9.75 -4.91 -16.72
CA ASP A 170 10.29 -4.10 -17.81
C ASP A 170 9.23 -3.87 -18.90
N ALA A 171 8.32 -4.81 -19.05
CA ALA A 171 7.29 -4.73 -20.07
C ALA A 171 6.10 -3.87 -19.69
N ILE A 172 5.72 -3.86 -18.40
CA ILE A 172 4.51 -3.13 -17.95
C ILE A 172 4.40 -1.73 -18.56
N PRO A 173 3.29 -1.44 -19.28
CA PRO A 173 3.16 -0.18 -20.06
C PRO A 173 2.80 1.09 -19.27
N VAL A 174 2.59 0.96 -17.97
CA VAL A 174 2.23 2.11 -17.13
C VAL A 174 3.23 2.22 -15.95
N PRO A 175 3.21 3.35 -15.21
CA PRO A 175 4.05 3.41 -14.00
C PRO A 175 3.80 2.27 -13.00
N ILE A 176 4.81 1.98 -12.17
CA ILE A 176 4.78 0.85 -11.25
C ILE A 176 5.00 1.32 -9.80
N VAL A 177 4.19 0.83 -8.87
CA VAL A 177 4.41 1.05 -7.45
C VAL A 177 4.73 -0.30 -6.78
N ILE A 178 5.87 -0.39 -6.09
CA ILE A 178 6.28 -1.65 -5.45
C ILE A 178 5.93 -1.59 -3.95
N ASP A 179 5.15 -2.58 -3.48
CA ASP A 179 4.77 -2.63 -2.06
C ASP A 179 5.92 -3.14 -1.18
N HIS A 180 6.19 -2.44 -0.08
CA HIS A 180 7.14 -2.87 0.95
C HIS A 180 8.47 -3.20 0.35
N MET A 181 8.85 -2.45 -0.68
CA MET A 181 10.14 -2.56 -1.40
C MET A 181 10.47 -3.98 -1.90
N GLY A 182 9.44 -4.80 -2.09
CA GLY A 182 9.65 -6.17 -2.55
C GLY A 182 10.25 -7.03 -1.45
N ARG A 183 10.05 -6.59 -0.20
CA ARG A 183 10.42 -7.39 0.94
C ARG A 183 11.93 -7.72 1.02
N PRO A 184 12.79 -6.68 1.07
CA PRO A 184 14.21 -6.95 1.21
C PRO A 184 14.54 -7.37 2.64
N ASP A 185 15.55 -8.23 2.79
CA ASP A 185 16.02 -8.60 4.11
C ASP A 185 16.81 -7.44 4.72
N VAL A 186 16.13 -6.61 5.51
CA VAL A 186 16.74 -5.42 6.10
C VAL A 186 17.87 -5.74 7.10
N ARG A 187 17.99 -6.99 7.53
CA ARG A 187 19.15 -7.38 8.37
C ARG A 187 20.53 -7.16 7.67
N GLN A 188 20.51 -7.22 6.35
CA GLN A 188 21.71 -7.12 5.50
C GLN A 188 22.33 -5.72 5.48
N GLY A 189 21.55 -4.69 5.77
CA GLY A 189 22.05 -3.32 5.72
C GLY A 189 21.60 -2.58 4.45
N PRO A 190 21.83 -1.27 4.40
CA PRO A 190 21.32 -0.51 3.25
C PRO A 190 22.03 -0.86 1.94
N ASP A 191 23.20 -1.50 2.03
CA ASP A 191 23.99 -1.91 0.85
C ASP A 191 24.07 -3.42 0.68
N GLY A 192 23.19 -4.17 1.36
CA GLY A 192 23.18 -5.64 1.26
C GLY A 192 22.69 -6.09 -0.12
N ALA A 193 22.65 -7.41 -0.34
CA ALA A 193 22.24 -7.98 -1.63
C ALA A 193 20.84 -7.54 -2.12
N ASP A 194 19.83 -7.71 -1.27
CA ASP A 194 18.45 -7.39 -1.67
C ASP A 194 18.27 -5.92 -2.03
N MET A 195 18.92 -5.04 -1.28
CA MET A 195 18.82 -3.61 -1.55
C MET A 195 19.53 -3.25 -2.85
N LYS A 196 20.69 -3.87 -3.09
CA LYS A 196 21.37 -3.74 -4.37
C LYS A 196 20.47 -4.18 -5.54
N ALA A 197 19.87 -5.37 -5.41
CA ALA A 197 18.98 -5.91 -6.43
C ALA A 197 17.78 -4.98 -6.61
N PHE A 198 17.27 -4.46 -5.50
CA PHE A 198 16.10 -3.58 -5.56
C PHE A 198 16.41 -2.25 -6.25
N ARG A 199 17.57 -1.68 -5.94
CA ARG A 199 18.04 -0.45 -6.59
C ARG A 199 18.26 -0.65 -8.10
N ARG A 200 18.77 -1.81 -8.50
CA ARG A 200 18.86 -2.14 -9.93
C ARG A 200 17.49 -2.04 -10.60
N LEU A 201 16.45 -2.49 -9.90
CA LEU A 201 15.08 -2.39 -10.42
C LEU A 201 14.63 -0.93 -10.54
N LEU A 202 14.83 -0.15 -9.48
CA LEU A 202 14.46 1.26 -9.49
C LEU A 202 15.21 2.06 -10.57
N ASP A 203 16.46 1.68 -10.84
CA ASP A 203 17.29 2.34 -11.84
C ASP A 203 16.94 1.98 -13.26
N SER A 204 16.18 0.91 -13.46
CA SER A 204 15.86 0.43 -14.80
C SER A 204 14.83 1.30 -15.52
N ARG A 205 14.10 2.12 -14.78
CA ARG A 205 12.99 2.91 -15.34
C ARG A 205 12.77 4.23 -14.62
N GLU A 206 12.25 5.21 -15.34
CA GLU A 206 11.98 6.53 -14.78
C GLU A 206 10.72 6.57 -13.89
N ASP A 207 9.91 5.51 -13.93
CA ASP A 207 8.55 5.55 -13.41
C ASP A 207 8.25 4.35 -12.51
N ILE A 208 9.26 3.94 -11.76
CA ILE A 208 9.08 2.93 -10.72
C ILE A 208 9.14 3.60 -9.36
N TRP A 209 8.05 3.44 -8.63
CA TRP A 209 7.90 4.02 -7.31
C TRP A 209 7.88 2.91 -6.30
N PHE A 210 8.09 3.25 -5.05
CA PHE A 210 8.03 2.20 -4.02
C PHE A 210 7.43 2.74 -2.74
N LYS A 211 6.88 1.84 -1.93
CA LYS A 211 6.34 2.14 -0.61
C LYS A 211 7.34 1.69 0.40
N ALA A 212 7.81 2.63 1.22
CA ALA A 212 8.86 2.39 2.19
C ALA A 212 8.20 1.97 3.51
N THR A 213 7.57 0.80 3.48
CA THR A 213 6.60 0.40 4.49
C THR A 213 6.79 -0.98 5.08
N CYS A 214 6.07 -1.20 6.20
CA CYS A 214 5.90 -2.49 6.89
C CYS A 214 7.16 -2.99 7.62
N PRO A 215 7.67 -2.17 8.56
CA PRO A 215 8.83 -2.58 9.33
C PRO A 215 8.50 -3.86 10.09
N ASP A 216 7.26 -3.95 10.56
CA ASP A 216 6.74 -5.11 11.30
C ASP A 216 6.91 -6.42 10.53
N ARG A 217 6.68 -6.39 9.22
CA ARG A 217 6.85 -7.56 8.34
C ARG A 217 8.32 -7.84 7.94
N LEU A 218 9.10 -6.77 7.70
CA LEU A 218 10.40 -6.94 7.06
C LEU A 218 11.50 -7.20 8.07
N ASP A 219 11.30 -6.72 9.30
CA ASP A 219 12.35 -6.74 10.29
C ASP A 219 11.94 -7.65 11.43
N PRO A 220 12.48 -8.90 11.47
CA PRO A 220 12.02 -9.91 12.45
C PRO A 220 12.29 -9.58 13.90
N ALA A 221 12.97 -8.47 14.18
CA ALA A 221 13.35 -8.11 15.55
C ALA A 221 12.27 -7.41 16.37
N GLY A 222 11.19 -6.98 15.73
CA GLY A 222 10.21 -6.15 16.44
C GLY A 222 10.68 -4.72 16.71
N PRO A 223 9.81 -3.85 17.25
CA PRO A 223 10.16 -2.45 17.53
C PRO A 223 11.40 -2.34 18.42
N PRO A 224 12.24 -1.30 18.22
CA PRO A 224 12.08 -0.18 17.26
C PRO A 224 12.44 -0.49 15.78
N TRP A 225 12.66 -1.75 15.43
CA TRP A 225 12.95 -2.11 14.03
C TRP A 225 14.16 -1.35 13.52
N ASP A 226 15.26 -1.41 14.26
CA ASP A 226 16.50 -0.70 13.91
C ASP A 226 17.07 -1.10 12.54
N ASP A 227 17.02 -2.39 12.21
CA ASP A 227 17.46 -2.87 10.87
C ASP A 227 16.62 -2.29 9.71
N PHE A 228 15.31 -2.21 9.87
CA PHE A 228 14.47 -1.54 8.88
C PHE A 228 14.94 -0.08 8.74
N ALA A 229 15.04 0.64 9.87
CA ALA A 229 15.44 2.07 9.82
C ALA A 229 16.80 2.31 9.11
N ARG A 230 17.84 1.57 9.51
CA ARG A 230 19.18 1.74 8.92
C ARG A 230 19.25 1.31 7.44
N SER A 231 18.43 0.33 7.03
CA SER A 231 18.51 -0.18 5.66
C SER A 231 17.64 0.64 4.72
N VAL A 232 16.55 1.18 5.25
CA VAL A 232 15.57 1.87 4.41
C VAL A 232 15.85 3.38 4.26
N ALA A 233 16.35 4.02 5.29
CA ALA A 233 16.61 5.48 5.22
C ALA A 233 17.50 5.89 4.04
N PRO A 234 18.58 5.11 3.72
CA PRO A 234 19.36 5.54 2.56
C PRO A 234 18.60 5.38 1.23
N LEU A 235 17.68 4.43 1.16
CA LEU A 235 16.92 4.22 -0.07
C LEU A 235 15.96 5.41 -0.29
N VAL A 236 15.29 5.80 0.80
CA VAL A 236 14.40 6.96 0.82
C VAL A 236 15.16 8.22 0.41
N ALA A 237 16.33 8.45 1.01
CA ALA A 237 17.19 9.59 0.65
C ALA A 237 17.60 9.58 -0.82
N ASP A 238 18.06 8.43 -1.33
CA ASP A 238 18.52 8.34 -2.72
C ASP A 238 17.40 8.40 -3.77
N TYR A 239 16.20 7.96 -3.40
CA TYR A 239 15.09 7.91 -4.36
C TYR A 239 13.89 8.70 -3.85
N ALA A 240 14.17 9.90 -3.34
CA ALA A 240 13.16 10.67 -2.62
C ALA A 240 11.96 11.09 -3.46
N ASP A 241 12.15 11.21 -4.77
CA ASP A 241 11.04 11.60 -5.67
C ASP A 241 10.25 10.41 -6.16
N ARG A 242 10.59 9.23 -5.67
CA ARG A 242 9.90 8.02 -6.08
C ARG A 242 9.32 7.21 -4.91
N VAL A 243 9.26 7.80 -3.72
CA VAL A 243 8.83 7.05 -2.53
C VAL A 243 7.50 7.54 -1.96
N ILE A 244 6.63 6.58 -1.61
CA ILE A 244 5.43 6.86 -0.84
C ILE A 244 5.37 5.99 0.43
N TRP A 245 4.34 6.19 1.24
CA TRP A 245 4.24 5.54 2.56
C TRP A 245 2.82 5.22 2.95
N GLY A 246 2.65 4.15 3.72
CA GLY A 246 1.31 3.76 4.24
C GLY A 246 1.41 2.98 5.55
N THR A 247 0.28 2.87 6.25
CA THR A 247 0.23 2.18 7.55
C THR A 247 0.01 0.67 7.35
N ASN A 248 -0.59 0.30 6.22
CA ASN A 248 -1.07 -1.06 5.99
C ASN A 248 -2.20 -1.46 6.97
N TRP A 249 -2.78 -0.48 7.67
CA TRP A 249 -3.95 -0.74 8.51
C TRP A 249 -5.09 -1.22 7.62
N PRO A 250 -5.92 -2.21 8.10
CA PRO A 250 -5.97 -2.90 9.42
C PRO A 250 -5.20 -4.21 9.44
N HIS A 251 -4.13 -4.26 8.65
CA HIS A 251 -3.06 -5.25 8.79
C HIS A 251 -3.51 -6.66 8.48
N PRO A 252 -3.99 -6.90 7.24
CA PRO A 252 -4.45 -8.23 6.85
C PRO A 252 -3.43 -9.33 7.17
N ASN A 253 -3.94 -10.45 7.67
CA ASN A 253 -3.10 -11.60 8.02
C ASN A 253 -2.06 -11.35 9.10
N MET A 254 -2.15 -10.23 9.81
CA MET A 254 -1.15 -9.93 10.85
C MET A 254 -1.63 -10.26 12.28
N GLN A 255 -2.62 -11.13 12.41
CA GLN A 255 -3.17 -11.46 13.74
C GLN A 255 -2.15 -12.02 14.73
N ASP A 256 -1.05 -12.60 14.24
CA ASP A 256 0.02 -13.13 15.13
C ASP A 256 1.06 -12.11 15.54
N ALA A 257 1.01 -10.91 14.95
CA ALA A 257 1.99 -9.89 15.23
C ALA A 257 1.32 -8.53 15.01
N ILE A 258 0.36 -8.21 15.88
CA ILE A 258 -0.47 -7.05 15.68
C ILE A 258 0.33 -5.78 15.98
N PRO A 259 0.46 -4.91 14.97
CA PRO A 259 1.30 -3.75 15.28
C PRO A 259 0.53 -2.62 15.98
N ASP A 260 1.27 -1.78 16.67
CA ASP A 260 0.73 -0.54 17.24
C ASP A 260 0.92 0.57 16.18
N ASP A 261 -0.18 1.07 15.62
CA ASP A 261 -0.08 2.03 14.50
C ASP A 261 0.69 3.29 14.86
N GLY A 262 0.66 3.64 16.14
CA GLY A 262 1.45 4.76 16.65
C GLY A 262 2.94 4.60 16.38
N LEU A 263 3.46 3.43 16.69
CA LEU A 263 4.89 3.12 16.48
C LEU A 263 5.20 2.99 15.00
N VAL A 264 4.25 2.45 14.23
CA VAL A 264 4.38 2.40 12.76
C VAL A 264 4.59 3.81 12.17
N VAL A 265 3.74 4.75 12.57
CA VAL A 265 3.88 6.14 12.10
C VAL A 265 5.21 6.72 12.56
N ASP A 266 5.62 6.36 13.78
CA ASP A 266 6.86 6.92 14.35
C ASP A 266 8.14 6.51 13.62
N MET A 267 8.04 5.51 12.76
CA MET A 267 9.18 5.16 11.88
C MET A 267 9.44 6.24 10.81
N ILE A 268 8.40 6.99 10.44
CA ILE A 268 8.51 7.99 9.39
C ILE A 268 9.72 8.93 9.55
N PRO A 269 9.85 9.59 10.73
CA PRO A 269 11.04 10.46 10.87
C PRO A 269 12.40 9.73 10.91
N ARG A 270 12.42 8.42 11.12
CA ARG A 270 13.68 7.70 11.12
C ARG A 270 14.06 7.40 9.65
N ILE A 271 13.10 7.08 8.79
CA ILE A 271 13.42 6.83 7.38
C ILE A 271 13.41 8.09 6.51
N ALA A 272 12.73 9.12 6.98
CA ALA A 272 12.73 10.41 6.29
C ALA A 272 13.00 11.53 7.32
N PRO A 273 14.29 11.74 7.67
CA PRO A 273 14.65 12.60 8.80
C PRO A 273 14.44 14.10 8.64
N THR A 274 14.31 14.58 7.41
CA THR A 274 14.16 16.02 7.21
C THR A 274 12.72 16.34 6.81
N PRO A 275 12.26 17.59 7.05
CA PRO A 275 10.91 18.01 6.62
C PRO A 275 10.68 17.82 5.13
N GLU A 276 11.73 18.05 4.34
CA GLU A 276 11.63 17.94 2.90
C GLU A 276 11.37 16.50 2.47
N LEU A 277 12.02 15.55 3.12
CA LEU A 277 11.86 14.13 2.77
C LEU A 277 10.48 13.66 3.17
N GLN A 278 10.04 14.12 4.35
CA GLN A 278 8.70 13.87 4.83
C GLN A 278 7.66 14.45 3.89
N HIS A 279 7.89 15.67 3.42
CA HIS A 279 6.96 16.36 2.51
C HIS A 279 6.80 15.61 1.21
N LYS A 280 7.92 15.17 0.65
CA LYS A 280 7.93 14.40 -0.60
C LYS A 280 7.20 13.07 -0.40
N MET A 281 7.58 12.32 0.63
CA MET A 281 7.06 10.97 0.81
C MET A 281 5.56 10.93 1.20
N LEU A 282 5.12 11.93 1.96
CA LEU A 282 3.77 11.90 2.51
C LEU A 282 2.80 12.82 1.77
N VAL A 283 3.31 13.78 1.02
CA VAL A 283 2.45 14.74 0.33
C VAL A 283 2.72 14.78 -1.18
N THR A 284 3.90 15.29 -1.58
CA THR A 284 4.17 15.55 -2.99
C THR A 284 4.06 14.29 -3.86
N ASN A 285 4.75 13.22 -3.45
CA ASN A 285 4.72 11.98 -4.27
C ASN A 285 3.36 11.28 -4.34
N PRO A 286 2.69 11.06 -3.18
CA PRO A 286 1.36 10.44 -3.34
C PRO A 286 0.34 11.33 -4.06
N MET A 287 0.49 12.66 -3.97
CA MET A 287 -0.40 13.56 -4.71
C MET A 287 -0.19 13.42 -6.21
N ARG A 288 1.08 13.28 -6.61
CA ARG A 288 1.42 13.13 -8.01
C ARG A 288 0.83 11.84 -8.56
N LEU A 289 0.81 10.79 -7.73
CA LEU A 289 0.32 9.49 -8.16
C LEU A 289 -1.19 9.34 -8.10
N TYR A 290 -1.84 9.88 -7.05
CA TYR A 290 -3.26 9.63 -6.80
C TYR A 290 -4.24 10.80 -7.01
N TRP A 291 -3.73 12.04 -6.93
CA TRP A 291 -4.50 13.27 -7.17
C TRP A 291 -3.78 14.18 -8.15
N SER A 292 -3.32 13.60 -9.27
CA SER A 292 -2.49 14.34 -10.21
C SER A 292 -3.19 15.62 -10.71
N GLU A 293 -4.53 15.59 -10.77
CA GLU A 293 -5.31 16.75 -11.23
C GLU A 293 -5.15 17.99 -10.32
N GLU A 294 -4.70 17.78 -9.09
CA GLU A 294 -4.48 18.88 -8.15
C GLU A 294 -3.06 19.45 -8.19
N MET A 295 -2.12 18.75 -8.83
CA MET A 295 -0.72 19.19 -8.85
C MET A 295 -0.45 20.35 -9.81
#